data_4GMN
#
_entry.id   4GMN
#
_cell.length_a   79.620
_cell.length_b   104.230
_cell.length_c   182.250
_cell.angle_alpha   90.00
_cell.angle_beta   90.00
_cell.angle_gamma   90.00
#
_symmetry.space_group_name_H-M   'C 2 2 21'
#
loop_
_entity.id
_entity.type
_entity.pdbx_description
1 polymer '60S ribosomal protein l5-like protein'
2 polymer 'Putative uncharacterized protein'
#
loop_
_entity_poly.entity_id
_entity_poly.type
_entity_poly.pdbx_seq_one_letter_code
_entity_poly.pdbx_strand_id
1 'polypeptide(L)' MAFHKLVKNSAYYSRFQTKFKRRRQGKTDYYARKRLITQAKGSHHHHHH B
2 'polypeptide(L)'
;MGKTRRNRVRNRTDPIAKPVKPPTDPELAKLREDKILPVLKDLKSPDAKSRTTAAGAIANIVQDAKCRKLLLREQVVHIV
LTETLTDNNIDSRAAGWEILKVLAQEEEADFCVHLYRLDVLTAIEHAAKAVLETLTTSEPPFSKLLKAQQRLVWDITGSL
LVLIGLLALARDEIHEAVATKQTILRLLFRLISADIAPQDIYEEAISCLTTLSEDNLKVGQAITDDQETHVYDVLLKLAT
GTDPRAVMACGVLHNVFTSLQWMDHSPGKDGACDAILIPTLTRALEHVVPGGAKFNGDARYANITLLALVTLASIGTDFQ
ETLVKGNQGSRESPISAADEEWNGFDDADGDAMDVDQKSSSGEDQEEDYEEIDVKEDDEDDDDDSITSEMQADMERVVGA
DGTDDGDLEDLPTLRELIQTAVPQLIRLSNLPIDSDESLTIQSHALSALNNISWTISCLEFANGENANIHNAWYPTAKKI
WRKTILPILEADSADLKLATQVTSLAWAVARVLHGETPTDGNPHRKFISLYHSSKQQAGGNSNSIEEPEDPFQGLGVKCI
GVVGSLAHDPAPIEVNREVGVFLVTLLRQSNNVPPAEIVEALNQLFDIYGDEELACDKEVFWKDGFLKHLEEFLPKMRTL
TKGIDKRTQPELRTRADEALLNLGRFVQYKKKHAPK
;
A
#
# COMPACT_ATOMS: atom_id res chain seq x y z
N ALA A 2 6.33 -5.83 25.79
CA ALA A 2 5.84 -4.93 24.75
C ALA A 2 6.97 -4.08 24.17
N PHE A 3 8.16 -4.20 24.74
CA PHE A 3 9.32 -3.50 24.20
C PHE A 3 10.23 -4.40 23.36
N HIS A 4 10.38 -4.04 22.08
CA HIS A 4 11.21 -4.80 21.15
C HIS A 4 12.19 -3.89 20.46
N LYS A 5 13.47 -4.05 20.77
CA LYS A 5 14.48 -3.09 20.32
C LYS A 5 14.54 -2.99 18.80
N LEU A 6 14.39 -1.76 18.32
CA LEU A 6 14.47 -1.43 16.90
C LEU A 6 15.91 -1.22 16.43
N VAL A 7 16.08 -1.18 15.11
CA VAL A 7 17.37 -0.85 14.52
C VAL A 7 17.68 0.62 14.79
N LYS A 8 18.95 0.98 14.70
CA LYS A 8 19.41 2.29 15.16
C LYS A 8 18.73 3.43 14.40
N ASN A 9 18.54 3.27 13.11
CA ASN A 9 17.85 4.27 12.31
C ASN A 9 16.74 3.63 11.49
N SER A 10 15.69 3.20 12.18
CA SER A 10 14.58 2.50 11.56
C SER A 10 13.83 3.31 10.53
N ALA A 11 13.62 4.60 10.82
CA ALA A 11 12.79 5.43 9.94
C ALA A 11 13.41 5.56 8.57
N TYR A 12 14.72 5.40 8.51
CA TYR A 12 15.44 5.41 7.24
C TYR A 12 14.94 4.33 6.28
N TYR A 13 14.29 3.31 6.82
CA TYR A 13 13.91 2.11 6.05
C TYR A 13 12.42 2.06 5.73
N SER A 14 11.67 3.03 6.22
CA SER A 14 10.24 3.10 5.92
C SER A 14 9.95 3.42 4.45
N ARG A 15 11.00 3.81 3.71
CA ARG A 15 10.84 4.19 2.31
C ARG A 15 10.75 2.97 1.41
N PHE A 16 11.09 1.82 1.96
CA PHE A 16 11.16 0.61 1.17
C PHE A 16 9.85 -0.15 1.25
N GLN A 17 8.93 0.36 2.05
CA GLN A 17 7.57 -0.11 2.07
C GLN A 17 6.87 0.34 0.80
N THR A 18 6.11 -0.57 0.20
CA THR A 18 5.31 -0.31 -1.00
C THR A 18 3.89 0.02 -0.57
N LYS A 19 3.40 1.21 -0.91
CA LYS A 19 2.11 1.67 -0.39
C LYS A 19 0.97 1.52 -1.38
N PHE A 20 -0.26 1.54 -0.85
CA PHE A 20 -1.49 1.50 -1.66
C PHE A 20 -2.63 2.29 -0.98
N ASP B 34 -25.60 21.07 -32.01
CA ASP B 34 -26.85 21.55 -32.60
C ASP B 34 -28.09 20.68 -32.31
N LYS B 35 -27.86 19.46 -31.82
CA LYS B 35 -28.94 18.58 -31.36
C LYS B 35 -29.24 18.84 -29.88
N ILE B 36 -28.19 19.09 -29.12
CA ILE B 36 -28.27 19.22 -27.66
C ILE B 36 -28.79 20.58 -27.21
N LEU B 37 -28.50 21.62 -28.00
CA LEU B 37 -28.97 22.98 -27.71
C LEU B 37 -30.43 23.04 -27.23
N PRO B 38 -31.37 22.48 -28.03
CA PRO B 38 -32.80 22.50 -27.67
C PRO B 38 -33.22 21.51 -26.58
N VAL B 39 -32.37 20.53 -26.28
CA VAL B 39 -32.65 19.55 -25.23
C VAL B 39 -32.63 20.19 -23.85
N LEU B 40 -31.65 21.06 -23.64
CA LEU B 40 -31.45 21.76 -22.38
C LEU B 40 -32.55 22.76 -22.06
N LYS B 41 -33.11 23.37 -23.10
CA LYS B 41 -34.18 24.35 -22.87
C LYS B 41 -35.32 23.67 -22.11
N ASP B 42 -35.58 22.42 -22.49
CA ASP B 42 -36.64 21.60 -21.90
C ASP B 42 -36.44 21.35 -20.41
N LEU B 43 -35.19 21.19 -20.01
CA LEU B 43 -34.86 20.86 -18.63
C LEU B 43 -35.34 21.95 -17.68
N LYS B 44 -35.42 23.18 -18.19
CA LYS B 44 -35.92 24.32 -17.42
C LYS B 44 -37.40 24.60 -17.70
N SER B 45 -37.97 23.85 -18.64
CA SER B 45 -39.39 23.95 -18.95
C SER B 45 -40.25 23.90 -17.69
N PRO B 46 -41.33 24.71 -17.66
CA PRO B 46 -42.26 24.73 -16.53
C PRO B 46 -43.21 23.53 -16.52
N ASP B 47 -43.12 22.69 -17.55
CA ASP B 47 -43.93 21.47 -17.62
C ASP B 47 -43.15 20.27 -17.11
N ALA B 48 -43.40 19.91 -15.85
CA ALA B 48 -42.64 18.84 -15.18
C ALA B 48 -42.41 17.61 -16.07
N LYS B 49 -43.39 17.30 -16.90
CA LYS B 49 -43.28 16.15 -17.79
C LYS B 49 -42.10 16.30 -18.76
N SER B 50 -41.97 17.49 -19.34
CA SER B 50 -40.94 17.70 -20.36
C SER B 50 -39.52 17.81 -19.77
N ARG B 51 -39.39 18.58 -18.70
CA ARG B 51 -38.13 18.66 -17.97
C ARG B 51 -37.65 17.25 -17.58
N THR B 52 -38.50 16.54 -16.85
CA THR B 52 -38.18 15.18 -16.41
C THR B 52 -37.77 14.24 -17.55
N THR B 53 -38.24 14.51 -18.77
CA THR B 53 -37.84 13.74 -19.94
C THR B 53 -36.45 14.14 -20.40
N ALA B 54 -36.24 15.45 -20.49
CA ALA B 54 -34.96 15.98 -20.94
C ALA B 54 -33.85 15.44 -20.06
N ALA B 55 -34.05 15.55 -18.74
CA ALA B 55 -33.14 14.96 -17.76
C ALA B 55 -32.76 13.56 -18.20
N GLY B 56 -33.77 12.74 -18.52
CA GLY B 56 -33.52 11.40 -19.02
C GLY B 56 -32.50 11.36 -20.16
N ALA B 57 -32.71 12.20 -21.16
CA ALA B 57 -31.89 12.20 -22.37
C ALA B 57 -30.46 12.70 -22.15
N ILE B 58 -30.30 13.74 -21.32
CA ILE B 58 -28.99 14.33 -21.09
C ILE B 58 -28.08 13.39 -20.29
N ALA B 59 -28.69 12.57 -19.44
CA ALA B 59 -27.96 11.54 -18.73
C ALA B 59 -27.32 10.53 -19.72
N ASN B 60 -27.97 10.27 -20.84
CA ASN B 60 -27.38 9.40 -21.88
C ASN B 60 -26.40 10.16 -22.74
N ILE B 61 -26.81 11.37 -23.12
CA ILE B 61 -26.06 12.18 -24.06
C ILE B 61 -24.77 12.70 -23.46
N VAL B 62 -24.74 12.85 -22.14
CA VAL B 62 -23.55 13.38 -21.48
C VAL B 62 -22.49 12.28 -21.37
N GLN B 63 -22.81 11.12 -21.93
CA GLN B 63 -21.89 9.99 -21.93
C GLN B 63 -20.82 10.18 -22.99
N ASP B 64 -21.23 10.28 -24.25
CA ASP B 64 -20.26 10.50 -25.33
C ASP B 64 -19.52 11.83 -25.11
N ALA B 65 -18.21 11.81 -25.34
CA ALA B 65 -17.44 13.05 -25.27
C ALA B 65 -18.02 14.05 -26.27
N LYS B 66 -17.47 15.26 -26.28
CA LYS B 66 -17.89 16.28 -27.25
C LYS B 66 -19.32 16.82 -26.99
N CYS B 67 -20.31 15.94 -26.92
CA CYS B 67 -21.67 16.36 -26.56
C CYS B 67 -21.65 16.85 -25.13
N ARG B 68 -20.59 16.46 -24.42
CA ARG B 68 -20.44 16.80 -23.03
C ARG B 68 -19.71 18.13 -22.89
N LYS B 69 -18.82 18.43 -23.82
CA LYS B 69 -18.16 19.73 -23.77
C LYS B 69 -19.21 20.79 -23.93
N LEU B 70 -20.04 20.65 -24.96
CA LEU B 70 -21.13 21.58 -25.28
C LEU B 70 -22.20 21.65 -24.19
N LEU B 71 -22.40 20.53 -23.51
CA LEU B 71 -23.42 20.44 -22.49
C LEU B 71 -22.95 21.10 -21.22
N LEU B 72 -21.65 21.04 -20.96
CA LEU B 72 -21.06 21.66 -19.79
C LEU B 72 -20.94 23.19 -19.90
N ARG B 73 -20.63 23.67 -21.10
CA ARG B 73 -20.60 25.10 -21.42
C ARG B 73 -21.95 25.83 -21.35
N GLU B 74 -22.99 25.20 -21.89
CA GLU B 74 -24.36 25.58 -21.59
C GLU B 74 -24.45 25.06 -20.18
N GLN B 75 -25.19 25.71 -19.30
CA GLN B 75 -24.90 25.51 -17.87
C GLN B 75 -25.55 24.27 -17.24
N VAL B 76 -25.28 23.10 -17.80
CA VAL B 76 -25.90 21.84 -17.34
C VAL B 76 -25.69 21.57 -15.83
N VAL B 77 -24.44 21.63 -15.38
CA VAL B 77 -24.14 21.44 -13.97
C VAL B 77 -24.91 22.40 -13.08
N HIS B 78 -25.04 23.67 -13.52
CA HIS B 78 -25.79 24.65 -12.73
C HIS B 78 -27.29 24.32 -12.63
N ILE B 79 -27.93 23.98 -13.73
CA ILE B 79 -29.35 23.61 -13.69
C ILE B 79 -29.59 22.37 -12.82
N VAL B 80 -28.90 21.28 -13.17
CA VAL B 80 -29.05 20.02 -12.44
C VAL B 80 -28.98 20.24 -10.94
N LEU B 81 -27.98 21.01 -10.49
CA LEU B 81 -27.77 21.27 -9.06
C LEU B 81 -28.92 22.05 -8.47
N THR B 82 -29.37 23.05 -9.21
CA THR B 82 -30.26 24.05 -8.61
C THR B 82 -31.75 23.79 -8.87
N GLU B 83 -32.04 23.03 -9.91
CA GLU B 83 -33.42 22.72 -10.28
C GLU B 83 -33.73 21.23 -10.20
N THR B 84 -33.01 20.45 -10.99
CA THR B 84 -33.34 19.05 -11.22
C THR B 84 -33.19 18.11 -10.02
N LEU B 85 -32.20 18.36 -9.16
CA LEU B 85 -31.97 17.48 -8.02
C LEU B 85 -33.01 17.70 -6.93
N THR B 86 -33.70 18.84 -6.98
CA THR B 86 -34.73 19.16 -6.00
C THR B 86 -36.14 19.24 -6.61
N ASP B 87 -36.25 18.73 -7.84
CA ASP B 87 -37.54 18.55 -8.51
C ASP B 87 -38.42 17.62 -7.69
N ASN B 88 -39.72 17.66 -7.93
CA ASN B 88 -40.64 16.81 -7.18
C ASN B 88 -40.74 15.38 -7.66
N ASN B 89 -40.45 15.17 -8.93
CA ASN B 89 -40.53 13.86 -9.55
C ASN B 89 -39.23 13.08 -9.34
N ILE B 90 -39.35 11.82 -8.92
CA ILE B 90 -38.18 11.02 -8.59
C ILE B 90 -37.43 10.48 -9.80
N ASP B 91 -38.03 10.58 -10.98
CA ASP B 91 -37.34 10.18 -12.20
C ASP B 91 -36.35 11.30 -12.58
N SER B 92 -36.80 12.53 -12.42
CA SER B 92 -35.97 13.71 -12.65
C SER B 92 -34.72 13.67 -11.76
N ARG B 93 -34.92 13.53 -10.47
CA ARG B 93 -33.80 13.45 -9.54
C ARG B 93 -32.83 12.28 -9.78
N ALA B 94 -33.31 11.14 -10.26
CA ALA B 94 -32.42 10.04 -10.61
C ALA B 94 -31.54 10.37 -11.84
N ALA B 95 -32.10 11.05 -12.84
CA ALA B 95 -31.32 11.47 -14.00
C ALA B 95 -30.34 12.55 -13.62
N GLY B 96 -30.80 13.51 -12.82
CA GLY B 96 -29.93 14.56 -12.33
C GLY B 96 -28.67 13.97 -11.72
N TRP B 97 -28.85 13.04 -10.78
CA TRP B 97 -27.71 12.44 -10.11
C TRP B 97 -26.73 11.72 -11.03
N GLU B 98 -27.27 11.00 -12.01
CA GLU B 98 -26.43 10.31 -12.99
C GLU B 98 -25.68 11.24 -13.96
N ILE B 99 -26.30 12.39 -14.25
CA ILE B 99 -25.68 13.37 -15.13
C ILE B 99 -24.42 13.84 -14.41
N LEU B 100 -24.57 14.10 -13.12
CA LEU B 100 -23.44 14.41 -12.25
C LEU B 100 -22.50 13.21 -12.07
N LYS B 101 -23.06 12.02 -11.86
CA LYS B 101 -22.27 10.79 -11.76
C LYS B 101 -21.42 10.63 -13.01
N VAL B 102 -22.08 10.58 -14.17
CA VAL B 102 -21.37 10.40 -15.43
C VAL B 102 -20.29 11.47 -15.62
N LEU B 103 -20.66 12.75 -15.47
CA LEU B 103 -19.70 13.86 -15.56
C LEU B 103 -18.51 13.64 -14.63
N ALA B 104 -18.78 13.28 -13.38
CA ALA B 104 -17.72 13.03 -12.41
C ALA B 104 -16.77 11.93 -12.88
N GLN B 105 -17.31 10.97 -13.62
CA GLN B 105 -16.53 9.84 -14.09
C GLN B 105 -15.72 10.20 -15.32
N GLU B 106 -16.38 10.78 -16.31
CA GLU B 106 -15.73 11.09 -17.57
C GLU B 106 -14.73 12.25 -17.50
N GLU B 107 -14.91 13.07 -16.47
CA GLU B 107 -14.08 14.25 -16.22
C GLU B 107 -12.80 13.93 -15.48
N GLU B 108 -11.88 14.88 -15.51
CA GLU B 108 -10.64 14.79 -14.74
C GLU B 108 -10.96 14.98 -13.27
N ALA B 109 -10.01 14.65 -12.41
CA ALA B 109 -10.22 14.62 -10.97
C ALA B 109 -10.65 15.98 -10.42
N ASP B 110 -10.10 17.04 -11.00
CA ASP B 110 -10.39 18.40 -10.53
C ASP B 110 -11.87 18.74 -10.63
N PHE B 111 -12.52 18.32 -11.70
CA PHE B 111 -13.94 18.61 -11.90
C PHE B 111 -14.74 18.38 -10.64
N CYS B 112 -14.22 17.49 -9.77
CA CYS B 112 -14.90 17.19 -8.51
C CYS B 112 -14.73 18.30 -7.49
N VAL B 113 -13.55 18.94 -7.47
CA VAL B 113 -13.33 20.05 -6.57
C VAL B 113 -14.28 21.20 -6.94
N HIS B 114 -14.40 21.47 -8.23
CA HIS B 114 -15.38 22.44 -8.71
C HIS B 114 -16.75 22.06 -8.20
N LEU B 115 -17.06 20.77 -8.24
CA LEU B 115 -18.31 20.28 -7.67
C LEU B 115 -18.35 20.52 -6.16
N TYR B 116 -17.25 20.26 -5.48
CA TYR B 116 -17.21 20.46 -4.03
C TYR B 116 -17.49 21.92 -3.71
N ARG B 117 -16.85 22.81 -4.45
CA ARG B 117 -16.99 24.24 -4.20
C ARG B 117 -18.43 24.70 -4.43
N LEU B 118 -19.10 24.12 -5.43
CA LEU B 118 -20.51 24.44 -5.73
C LEU B 118 -21.47 23.84 -4.72
N ASP B 119 -20.92 23.25 -3.67
CA ASP B 119 -21.70 22.67 -2.58
C ASP B 119 -22.54 21.44 -2.98
N VAL B 120 -22.01 20.60 -3.88
CA VAL B 120 -22.64 19.33 -4.22
C VAL B 120 -22.81 18.44 -2.99
N LEU B 121 -21.91 18.56 -2.03
CA LEU B 121 -21.91 17.70 -0.85
C LEU B 121 -23.19 17.85 -0.03
N THR B 122 -23.72 19.07 0.03
CA THR B 122 -24.98 19.30 0.73
C THR B 122 -26.14 18.67 -0.04
N ALA B 123 -26.15 18.87 -1.36
CA ALA B 123 -27.11 18.22 -2.22
C ALA B 123 -27.11 16.71 -1.95
N ILE B 124 -25.91 16.14 -1.84
CA ILE B 124 -25.72 14.72 -1.59
C ILE B 124 -26.23 14.33 -0.20
N GLU B 125 -25.92 15.17 0.79
CA GLU B 125 -26.33 14.87 2.16
C GLU B 125 -27.84 14.89 2.33
N HIS B 126 -28.49 15.85 1.69
CA HIS B 126 -29.93 15.99 1.74
C HIS B 126 -30.62 14.80 1.05
N ALA B 127 -30.05 14.36 -0.08
CA ALA B 127 -30.57 13.25 -0.85
C ALA B 127 -30.31 11.98 -0.09
N ALA B 128 -29.13 11.88 0.50
CA ALA B 128 -28.78 10.73 1.33
C ALA B 128 -29.84 10.55 2.44
N LYS B 129 -30.20 11.66 3.09
CA LYS B 129 -31.19 11.65 4.18
C LYS B 129 -32.56 11.18 3.71
N ALA B 130 -32.81 11.25 2.41
CA ALA B 130 -34.08 10.81 1.83
C ALA B 130 -34.05 9.31 1.56
N VAL B 131 -32.92 8.81 1.05
CA VAL B 131 -32.75 7.37 0.85
C VAL B 131 -32.98 6.63 2.17
N LEU B 132 -32.36 7.13 3.23
CA LEU B 132 -32.53 6.52 4.54
C LEU B 132 -33.99 6.57 5.02
N GLU B 133 -34.67 7.69 4.79
CA GLU B 133 -36.07 7.82 5.19
C GLU B 133 -36.95 6.83 4.42
N THR B 134 -36.69 6.70 3.14
CA THR B 134 -37.32 5.69 2.28
C THR B 134 -36.99 4.25 2.68
N LEU B 135 -35.71 4.00 2.95
CA LEU B 135 -35.19 2.68 3.32
C LEU B 135 -35.60 2.26 4.72
N THR B 136 -35.68 3.22 5.64
CA THR B 136 -35.94 2.92 7.05
C THR B 136 -37.34 3.29 7.49
N THR B 137 -38.16 3.80 6.58
CA THR B 137 -39.53 4.14 6.94
C THR B 137 -40.36 2.85 7.04
N SER B 138 -41.38 2.89 7.88
CA SER B 138 -42.31 1.77 7.98
C SER B 138 -43.71 2.23 7.62
N GLU B 139 -43.84 3.47 7.19
CA GLU B 139 -45.13 3.96 6.72
C GLU B 139 -45.45 3.49 5.28
N PRO B 140 -44.74 4.00 4.26
CA PRO B 140 -44.96 3.47 2.91
C PRO B 140 -44.74 1.96 2.59
N PRO B 141 -43.77 1.21 3.16
CA PRO B 141 -42.41 1.25 3.72
C PRO B 141 -41.54 0.40 2.76
N PHE B 142 -40.22 0.46 2.83
CA PHE B 142 -39.43 0.04 1.65
C PHE B 142 -39.86 -1.21 0.89
N SER B 143 -39.94 -2.37 1.54
CA SER B 143 -40.19 -3.62 0.80
C SER B 143 -41.54 -3.65 0.11
N LYS B 144 -42.44 -2.76 0.52
CA LYS B 144 -43.79 -2.68 -0.05
C LYS B 144 -43.90 -1.64 -1.18
N LEU B 145 -42.76 -1.16 -1.66
CA LEU B 145 -42.73 -0.21 -2.77
C LEU B 145 -42.94 -0.94 -4.08
N LEU B 146 -43.21 -0.19 -5.15
CA LEU B 146 -43.32 -0.77 -6.48
C LEU B 146 -41.92 -1.19 -6.97
N LYS B 147 -41.87 -2.25 -7.77
CA LYS B 147 -40.62 -2.74 -8.34
C LYS B 147 -39.83 -1.60 -9.01
N ALA B 148 -40.49 -0.85 -9.88
CA ALA B 148 -39.85 0.27 -10.59
C ALA B 148 -39.52 1.39 -9.63
N GLN B 149 -40.37 1.54 -8.61
CA GLN B 149 -40.16 2.54 -7.55
C GLN B 149 -38.94 2.20 -6.74
N GLN B 150 -38.77 0.91 -6.47
CA GLN B 150 -37.62 0.40 -5.74
C GLN B 150 -36.35 0.59 -6.52
N ARG B 151 -36.35 0.14 -7.77
CA ARG B 151 -35.18 0.27 -8.63
C ARG B 151 -34.64 1.70 -8.71
N LEU B 152 -35.53 2.68 -8.57
CA LEU B 152 -35.15 4.09 -8.63
C LEU B 152 -34.40 4.51 -7.39
N VAL B 153 -34.87 4.10 -6.21
CA VAL B 153 -34.10 4.36 -5.01
C VAL B 153 -32.65 3.81 -5.14
N TRP B 154 -32.47 2.64 -5.75
CA TRP B 154 -31.13 2.12 -5.97
C TRP B 154 -30.29 2.92 -6.99
N ASP B 155 -30.90 3.35 -8.09
CA ASP B 155 -30.24 4.26 -9.04
C ASP B 155 -29.57 5.43 -8.31
N ILE B 156 -30.40 6.15 -7.57
CA ILE B 156 -29.99 7.34 -6.83
C ILE B 156 -28.90 7.02 -5.81
N THR B 157 -29.01 5.86 -5.16
CA THR B 157 -28.00 5.48 -4.19
C THR B 157 -26.68 5.24 -4.91
N GLY B 158 -26.74 4.45 -5.98
CA GLY B 158 -25.58 4.21 -6.82
C GLY B 158 -24.86 5.47 -7.28
N SER B 159 -25.60 6.49 -7.70
CA SER B 159 -25.02 7.77 -8.12
C SER B 159 -24.38 8.48 -6.92
N LEU B 160 -25.08 8.46 -5.79
CA LEU B 160 -24.57 9.05 -4.56
C LEU B 160 -23.28 8.38 -4.14
N LEU B 161 -23.32 7.05 -4.07
CA LEU B 161 -22.18 6.25 -3.61
C LEU B 161 -20.96 6.54 -4.45
N VAL B 162 -21.11 6.41 -5.77
CA VAL B 162 -20.02 6.71 -6.67
C VAL B 162 -19.48 8.12 -6.46
N LEU B 163 -20.36 9.13 -6.40
CA LEU B 163 -19.91 10.51 -6.17
C LEU B 163 -19.08 10.68 -4.90
N ILE B 164 -19.65 10.33 -3.75
CA ILE B 164 -18.90 10.35 -2.47
C ILE B 164 -17.51 9.71 -2.60
N GLY B 165 -17.46 8.57 -3.30
CA GLY B 165 -16.21 7.87 -3.50
C GLY B 165 -15.22 8.76 -4.21
N LEU B 166 -15.69 9.42 -5.27
CA LEU B 166 -14.86 10.31 -6.09
C LEU B 166 -14.30 11.56 -5.36
N LEU B 167 -15.16 12.29 -4.65
CA LEU B 167 -14.79 13.48 -3.90
C LEU B 167 -13.84 13.17 -2.75
N ALA B 168 -14.09 12.05 -2.07
CA ALA B 168 -13.19 11.63 -1.01
C ALA B 168 -11.79 11.34 -1.53
N LEU B 169 -11.69 10.95 -2.80
CA LEU B 169 -10.38 10.71 -3.42
C LEU B 169 -9.71 12.00 -3.88
N ALA B 170 -10.51 13.08 -3.93
CA ALA B 170 -10.09 14.35 -4.52
C ALA B 170 -9.00 15.04 -3.72
N ARG B 171 -9.32 15.53 -2.53
CA ARG B 171 -8.32 16.18 -1.69
C ARG B 171 -8.58 15.90 -0.23
N ASP B 172 -7.59 16.16 0.61
CA ASP B 172 -7.73 15.84 2.02
C ASP B 172 -8.89 16.60 2.66
N GLU B 173 -9.06 17.86 2.29
CA GLU B 173 -10.15 18.66 2.82
C GLU B 173 -11.53 18.12 2.42
N ILE B 174 -11.66 17.70 1.17
CA ILE B 174 -12.92 17.10 0.71
C ILE B 174 -13.20 15.79 1.44
N HIS B 175 -12.14 14.99 1.62
CA HIS B 175 -12.20 13.77 2.39
C HIS B 175 -12.72 14.04 3.80
N GLU B 176 -12.17 15.06 4.46
CA GLU B 176 -12.58 15.35 5.83
C GLU B 176 -13.90 16.11 5.91
N ALA B 177 -14.35 16.64 4.78
CA ALA B 177 -15.67 17.27 4.72
C ALA B 177 -16.74 16.18 4.61
N VAL B 178 -16.47 15.22 3.74
CA VAL B 178 -17.35 14.09 3.53
C VAL B 178 -17.52 13.31 4.82
N ALA B 179 -16.40 13.00 5.46
CA ALA B 179 -16.37 12.17 6.69
C ALA B 179 -17.09 12.83 7.86
N THR B 180 -17.23 14.14 7.79
CA THR B 180 -17.90 14.93 8.79
C THR B 180 -19.40 14.66 8.78
N LYS B 181 -19.94 14.49 7.58
CA LYS B 181 -21.39 14.37 7.36
C LYS B 181 -22.03 13.06 7.88
N GLN B 182 -22.53 13.11 9.11
CA GLN B 182 -23.21 11.98 9.74
C GLN B 182 -24.27 11.30 8.87
N THR B 183 -25.01 12.07 8.08
CA THR B 183 -26.05 11.47 7.23
C THR B 183 -25.38 10.54 6.25
N ILE B 184 -24.26 10.98 5.70
CA ILE B 184 -23.52 10.17 4.75
C ILE B 184 -23.04 8.88 5.41
N LEU B 185 -22.33 9.03 6.53
CA LEU B 185 -21.90 7.86 7.30
C LEU B 185 -23.05 6.88 7.63
N ARG B 186 -24.12 7.39 8.26
CA ARG B 186 -25.23 6.53 8.70
C ARG B 186 -25.95 5.85 7.53
N LEU B 187 -25.83 6.45 6.34
CA LEU B 187 -26.37 5.82 5.14
C LEU B 187 -25.55 4.57 4.85
N LEU B 188 -24.23 4.73 4.90
CA LEU B 188 -23.30 3.65 4.67
C LEU B 188 -23.47 2.46 5.62
N PHE B 189 -23.67 2.75 6.90
CA PHE B 189 -23.82 1.71 7.92
C PHE B 189 -25.14 1.01 7.73
N ARG B 190 -26.13 1.76 7.28
CA ARG B 190 -27.46 1.23 7.06
C ARG B 190 -27.44 0.21 5.91
N LEU B 191 -26.68 0.53 4.85
CA LEU B 191 -26.57 -0.32 3.65
C LEU B 191 -25.76 -1.60 3.87
N ILE B 192 -24.59 -1.45 4.49
CA ILE B 192 -23.74 -2.58 4.80
C ILE B 192 -24.42 -3.49 5.82
N SER B 193 -25.04 -2.85 6.81
CA SER B 193 -25.62 -3.60 7.93
C SER B 193 -26.86 -4.42 7.51
N ALA B 194 -27.79 -3.79 6.81
CA ALA B 194 -29.07 -4.43 6.45
C ALA B 194 -28.93 -5.54 5.42
N ASP B 195 -27.91 -5.45 4.57
CA ASP B 195 -27.72 -6.33 3.42
C ASP B 195 -29.03 -6.71 2.69
N ILE B 196 -29.73 -5.70 2.21
CA ILE B 196 -30.91 -5.88 1.38
C ILE B 196 -30.68 -5.25 0.01
N ALA B 197 -29.60 -4.49 -0.09
CA ALA B 197 -29.28 -3.74 -1.30
C ALA B 197 -28.79 -4.64 -2.43
N PRO B 198 -28.97 -4.11 -3.72
CA PRO B 198 -28.41 -4.96 -4.78
C PRO B 198 -26.89 -5.02 -4.61
N GLN B 199 -26.28 -6.09 -5.09
CA GLN B 199 -24.87 -6.35 -4.82
C GLN B 199 -23.97 -5.24 -5.32
N ASP B 200 -24.29 -4.69 -6.49
CA ASP B 200 -23.47 -3.60 -7.04
C ASP B 200 -23.51 -2.36 -6.13
N ILE B 201 -24.63 -2.18 -5.44
CA ILE B 201 -24.76 -1.14 -4.43
C ILE B 201 -24.01 -1.50 -3.15
N TYR B 202 -24.11 -2.75 -2.73
CA TYR B 202 -23.41 -3.24 -1.55
C TYR B 202 -21.92 -3.00 -1.68
N GLU B 203 -21.35 -3.44 -2.80
CA GLU B 203 -19.91 -3.39 -3.01
C GLU B 203 -19.41 -1.99 -3.15
N GLU B 204 -20.22 -1.14 -3.76
CA GLU B 204 -19.86 0.27 -3.89
C GLU B 204 -19.84 0.93 -2.51
N ALA B 205 -20.74 0.52 -1.63
CA ALA B 205 -20.82 1.08 -0.27
C ALA B 205 -19.61 0.68 0.58
N ILE B 206 -19.23 -0.59 0.51
CA ILE B 206 -18.00 -1.06 1.12
C ILE B 206 -16.82 -0.28 0.55
N SER B 207 -16.77 -0.18 -0.78
CA SER B 207 -15.66 0.51 -1.42
C SER B 207 -15.53 1.88 -0.84
N CYS B 208 -16.65 2.59 -0.74
CA CYS B 208 -16.69 3.96 -0.23
C CYS B 208 -16.12 4.04 1.16
N LEU B 209 -16.61 3.16 2.03
CA LEU B 209 -16.24 3.18 3.43
C LEU B 209 -14.78 2.77 3.64
N THR B 210 -14.27 1.94 2.73
CA THR B 210 -12.84 1.64 2.71
C THR B 210 -12.01 2.90 2.49
N THR B 211 -12.41 3.72 1.52
CA THR B 211 -11.72 4.97 1.23
C THR B 211 -11.90 5.98 2.34
N LEU B 212 -13.12 6.12 2.82
CA LEU B 212 -13.39 7.05 3.90
C LEU B 212 -12.66 6.65 5.17
N SER B 213 -12.51 5.36 5.40
CA SER B 213 -11.92 4.87 6.66
C SER B 213 -10.40 4.74 6.60
N GLU B 214 -9.82 4.94 5.43
CA GLU B 214 -8.36 4.83 5.29
C GLU B 214 -7.64 5.99 5.98
N ASP B 215 -7.00 5.70 7.11
CA ASP B 215 -6.29 6.72 7.88
C ASP B 215 -7.18 7.91 8.18
N ASN B 216 -8.27 7.65 8.90
CA ASN B 216 -9.23 8.67 9.31
C ASN B 216 -9.79 8.22 10.63
N LEU B 217 -9.37 8.88 11.71
CA LEU B 217 -9.75 8.50 13.06
C LEU B 217 -11.24 8.59 13.30
N LYS B 218 -11.82 9.72 12.91
CA LYS B 218 -13.25 9.96 13.10
C LYS B 218 -14.12 8.83 12.55
N VAL B 219 -13.79 8.36 11.35
CA VAL B 219 -14.58 7.34 10.66
C VAL B 219 -14.45 6.04 11.41
N GLY B 220 -13.25 5.78 11.92
CA GLY B 220 -13.01 4.54 12.64
C GLY B 220 -13.82 4.55 13.90
N GLN B 221 -13.87 5.69 14.56
CA GLN B 221 -14.70 5.85 15.74
C GLN B 221 -16.18 5.80 15.38
N ALA B 222 -16.53 6.34 14.21
CA ALA B 222 -17.91 6.29 13.78
C ALA B 222 -18.35 4.84 13.65
N ILE B 223 -17.53 4.05 12.97
CA ILE B 223 -17.80 2.63 12.72
C ILE B 223 -17.90 1.81 14.00
N THR B 224 -16.99 2.07 14.95
CA THR B 224 -16.93 1.27 16.17
C THR B 224 -17.85 1.80 17.29
N ASP B 225 -18.42 2.97 17.07
CA ASP B 225 -19.26 3.63 18.07
C ASP B 225 -20.74 3.57 17.70
N ASP B 226 -21.06 2.83 16.65
CA ASP B 226 -22.43 2.81 16.16
C ASP B 226 -23.23 1.73 16.87
N GLN B 227 -24.12 2.16 17.75
CA GLN B 227 -25.02 1.26 18.46
C GLN B 227 -26.34 1.16 17.72
N GLU B 228 -26.49 1.92 16.65
CA GLU B 228 -27.75 1.91 15.87
C GLU B 228 -27.86 0.71 14.91
N THR B 229 -26.88 0.56 14.03
CA THR B 229 -26.90 -0.53 13.06
C THR B 229 -25.80 -1.60 13.29
N HIS B 230 -24.85 -1.29 14.17
CA HIS B 230 -23.75 -2.22 14.52
C HIS B 230 -22.88 -2.59 13.32
N VAL B 231 -22.59 -1.62 12.46
CA VAL B 231 -21.79 -1.91 11.28
C VAL B 231 -20.53 -2.69 11.67
N TYR B 232 -19.89 -2.34 12.80
CA TYR B 232 -18.65 -3.00 13.18
C TYR B 232 -18.82 -4.51 13.41
N ASP B 233 -19.90 -4.87 14.10
CA ASP B 233 -20.17 -6.26 14.38
C ASP B 233 -20.44 -7.04 13.07
N VAL B 234 -21.23 -6.41 12.20
CA VAL B 234 -21.62 -6.98 10.91
C VAL B 234 -20.38 -7.17 10.06
N LEU B 235 -19.51 -6.17 10.06
CA LEU B 235 -18.24 -6.25 9.35
C LEU B 235 -17.35 -7.39 9.87
N LEU B 236 -17.15 -7.46 11.19
CA LEU B 236 -16.39 -8.56 11.82
C LEU B 236 -16.92 -9.94 11.42
N LYS B 237 -18.21 -10.14 11.59
CA LYS B 237 -18.81 -11.44 11.31
C LYS B 237 -18.55 -11.83 9.87
N LEU B 238 -18.61 -10.85 8.98
CA LEU B 238 -18.51 -11.11 7.55
C LEU B 238 -17.05 -11.29 7.12
N ALA B 239 -16.15 -10.65 7.83
CA ALA B 239 -14.73 -10.71 7.53
C ALA B 239 -14.11 -11.99 8.07
N THR B 240 -14.88 -12.70 8.88
CA THR B 240 -14.35 -13.89 9.50
C THR B 240 -14.92 -15.17 8.89
N GLY B 241 -16.09 -15.07 8.30
CA GLY B 241 -16.83 -16.24 7.89
C GLY B 241 -16.63 -16.76 6.48
N THR B 242 -17.68 -17.41 5.99
CA THR B 242 -17.65 -18.17 4.76
C THR B 242 -18.13 -17.34 3.57
N ASP B 243 -18.63 -16.14 3.85
CA ASP B 243 -19.23 -15.29 2.84
C ASP B 243 -18.21 -14.96 1.76
N PRO B 244 -18.66 -14.74 0.52
CA PRO B 244 -17.72 -14.50 -0.59
C PRO B 244 -17.05 -13.14 -0.48
N ARG B 245 -17.71 -12.22 0.20
CA ARG B 245 -17.23 -10.85 0.31
C ARG B 245 -16.41 -10.63 1.58
N ALA B 246 -15.88 -11.70 2.16
CA ALA B 246 -15.17 -11.62 3.43
C ALA B 246 -13.95 -10.72 3.36
N VAL B 247 -13.16 -10.86 2.31
CA VAL B 247 -11.99 -10.01 2.08
C VAL B 247 -12.32 -8.49 2.00
N MET B 248 -13.47 -8.16 1.40
CA MET B 248 -13.92 -6.77 1.26
C MET B 248 -14.12 -6.13 2.61
N ALA B 249 -14.72 -6.89 3.53
CA ALA B 249 -14.88 -6.44 4.88
C ALA B 249 -13.51 -6.36 5.59
N CYS B 250 -12.53 -7.13 5.15
CA CYS B 250 -11.22 -7.07 5.78
C CYS B 250 -10.57 -5.75 5.45
N GLY B 251 -10.73 -5.30 4.22
CA GLY B 251 -10.16 -4.03 3.79
C GLY B 251 -10.65 -2.85 4.60
N VAL B 252 -11.93 -2.87 4.99
CA VAL B 252 -12.50 -1.83 5.83
C VAL B 252 -11.95 -1.95 7.24
N LEU B 253 -12.02 -3.16 7.78
CA LEU B 253 -11.59 -3.40 9.15
C LEU B 253 -10.12 -3.09 9.38
N HIS B 254 -9.25 -3.49 8.45
CA HIS B 254 -7.83 -3.18 8.59
C HIS B 254 -7.67 -1.67 8.74
N ASN B 255 -8.31 -0.90 7.86
CA ASN B 255 -8.23 0.56 7.94
C ASN B 255 -8.67 1.08 9.29
N VAL B 256 -9.70 0.47 9.85
CA VAL B 256 -10.15 0.85 11.17
C VAL B 256 -9.13 0.50 12.27
N PHE B 257 -8.56 -0.71 12.22
CA PHE B 257 -7.56 -1.13 13.21
C PHE B 257 -6.32 -0.24 13.27
N THR B 258 -5.84 0.23 12.12
CA THR B 258 -4.68 1.10 12.13
C THR B 258 -5.04 2.48 12.69
N SER B 259 -6.06 3.10 12.13
CA SER B 259 -6.50 4.44 12.53
C SER B 259 -6.77 4.60 14.03
N LEU B 260 -7.31 3.54 14.65
CA LEU B 260 -7.66 3.58 16.06
C LEU B 260 -6.56 2.98 16.92
N GLN B 261 -5.50 2.49 16.28
CA GLN B 261 -4.40 1.84 16.97
C GLN B 261 -4.91 0.67 17.78
N TRP B 262 -5.72 -0.15 17.12
CA TRP B 262 -6.11 -1.45 17.63
C TRP B 262 -5.08 -2.47 17.17
N MET B 263 -4.04 -2.63 17.99
CA MET B 263 -2.83 -3.34 17.60
C MET B 263 -2.44 -4.36 18.66
N ASP B 264 -1.32 -5.05 18.43
CA ASP B 264 -0.91 -6.12 19.34
C ASP B 264 -0.67 -5.67 20.79
N HIS B 265 0.00 -4.54 20.96
CA HIS B 265 0.17 -3.92 22.27
C HIS B 265 -1.16 -3.46 22.87
N SER B 266 -2.03 -2.93 22.01
CA SER B 266 -3.32 -2.38 22.45
C SER B 266 -4.47 -2.96 21.62
N PRO B 267 -4.89 -4.25 21.99
CA PRO B 267 -5.95 -4.79 21.12
C PRO B 267 -7.31 -4.10 21.25
N GLY B 268 -8.06 -4.07 20.14
CA GLY B 268 -9.41 -3.55 20.10
C GLY B 268 -10.50 -4.52 20.50
N LYS B 269 -11.67 -3.99 20.85
CA LYS B 269 -12.83 -4.81 21.19
C LYS B 269 -12.57 -6.31 21.01
N ASP B 270 -12.55 -7.04 22.13
CA ASP B 270 -12.38 -8.50 22.14
C ASP B 270 -11.02 -8.97 21.61
N GLY B 271 -9.99 -8.16 21.82
CA GLY B 271 -8.63 -8.48 21.42
C GLY B 271 -8.39 -8.24 19.94
N ALA B 272 -9.33 -7.54 19.32
CA ALA B 272 -9.23 -7.22 17.90
C ALA B 272 -7.98 -6.43 17.54
N CYS B 273 -7.42 -6.80 16.39
CA CYS B 273 -6.23 -6.20 15.82
C CYS B 273 -6.05 -6.93 14.52
N ASP B 274 -5.05 -6.56 13.72
CA ASP B 274 -4.88 -7.16 12.39
C ASP B 274 -4.83 -8.70 12.44
N ALA B 275 -4.37 -9.25 13.56
CA ALA B 275 -4.28 -10.69 13.70
C ALA B 275 -5.51 -11.44 13.17
N ILE B 276 -6.73 -10.98 13.49
CA ILE B 276 -7.92 -11.77 13.11
C ILE B 276 -8.30 -11.78 11.64
N LEU B 277 -7.75 -10.83 10.88
CA LEU B 277 -8.04 -10.67 9.45
C LEU B 277 -7.20 -11.55 8.56
N ILE B 278 -6.03 -11.94 9.06
CA ILE B 278 -5.03 -12.63 8.27
C ILE B 278 -5.43 -14.02 7.72
N PRO B 279 -6.14 -14.86 8.50
CA PRO B 279 -6.51 -16.16 7.92
C PRO B 279 -7.47 -16.04 6.73
N THR B 280 -8.48 -15.18 6.88
CA THR B 280 -9.46 -14.91 5.84
C THR B 280 -8.75 -14.45 4.57
N LEU B 281 -7.84 -13.50 4.77
CA LEU B 281 -7.03 -12.95 3.70
C LEU B 281 -6.16 -14.03 3.06
N THR B 282 -5.71 -14.99 3.86
CA THR B 282 -4.86 -16.06 3.35
C THR B 282 -5.65 -17.15 2.63
N ARG B 283 -6.80 -17.54 3.18
CA ARG B 283 -7.67 -18.49 2.47
C ARG B 283 -8.10 -17.96 1.12
N ALA B 284 -7.97 -16.65 0.91
CA ALA B 284 -8.30 -16.04 -0.37
C ALA B 284 -7.23 -16.28 -1.44
N LEU B 285 -5.98 -16.43 -1.01
CA LEU B 285 -4.89 -16.74 -1.92
C LEU B 285 -4.89 -18.23 -2.24
N GLU B 286 -5.46 -19.01 -1.31
CA GLU B 286 -5.46 -20.46 -1.40
C GLU B 286 -6.19 -20.93 -2.63
N HIS B 287 -7.14 -20.13 -3.09
CA HIS B 287 -8.04 -20.55 -4.17
C HIS B 287 -7.49 -20.24 -5.56
N VAL B 288 -6.69 -19.19 -5.67
CA VAL B 288 -6.08 -18.85 -6.96
C VAL B 288 -4.95 -19.83 -7.36
N VAL B 289 -5.20 -20.56 -8.44
CA VAL B 289 -4.29 -21.57 -8.94
C VAL B 289 -4.05 -21.34 -10.43
N PRO B 290 -2.88 -21.73 -10.93
CA PRO B 290 -2.48 -21.39 -12.30
C PRO B 290 -3.41 -21.97 -13.38
N GLY B 291 -3.58 -21.22 -14.47
CA GLY B 291 -4.37 -21.64 -15.60
C GLY B 291 -5.85 -21.30 -15.66
N GLY B 292 -6.36 -20.52 -14.70
CA GLY B 292 -7.74 -20.08 -14.77
C GLY B 292 -7.91 -18.58 -14.53
N ALA B 293 -7.44 -17.78 -15.47
CA ALA B 293 -7.51 -16.32 -15.38
C ALA B 293 -8.92 -15.71 -15.41
N LYS B 294 -9.79 -16.21 -16.29
CA LYS B 294 -11.08 -15.60 -16.54
C LYS B 294 -12.21 -16.60 -16.78
N PHE B 295 -13.45 -16.16 -16.57
CA PHE B 295 -14.60 -17.03 -16.75
C PHE B 295 -15.77 -16.28 -17.39
N ASN B 296 -16.82 -17.01 -17.75
CA ASN B 296 -18.05 -16.41 -18.28
C ASN B 296 -18.71 -15.53 -17.21
N GLY B 297 -18.74 -16.01 -15.98
CA GLY B 297 -19.24 -15.25 -14.84
C GLY B 297 -18.26 -15.27 -13.67
N ASP B 298 -17.62 -14.12 -13.44
CA ASP B 298 -16.59 -13.98 -12.41
C ASP B 298 -16.75 -12.67 -11.60
N ALA B 299 -17.37 -12.80 -10.42
CA ALA B 299 -17.70 -11.66 -9.58
C ALA B 299 -16.63 -11.41 -8.50
N ARG B 300 -15.52 -12.14 -8.57
CA ARG B 300 -14.52 -12.04 -7.49
C ARG B 300 -13.10 -11.56 -7.81
N TYR B 301 -12.70 -11.52 -9.07
CA TYR B 301 -11.28 -11.35 -9.39
C TYR B 301 -10.62 -10.02 -8.96
N ALA B 302 -11.24 -8.88 -9.23
CA ALA B 302 -10.66 -7.67 -8.70
C ALA B 302 -10.69 -7.68 -7.18
N ASN B 303 -11.85 -8.03 -6.62
CA ASN B 303 -12.01 -8.13 -5.16
C ASN B 303 -11.34 -9.30 -4.42
N ILE B 304 -11.48 -10.50 -4.98
CA ILE B 304 -11.09 -11.73 -4.30
C ILE B 304 -9.59 -11.93 -4.03
N THR B 305 -8.79 -11.57 -5.02
CA THR B 305 -7.36 -11.87 -5.06
C THR B 305 -6.45 -10.67 -4.85
N LEU B 306 -6.63 -9.65 -5.68
CA LEU B 306 -5.82 -8.45 -5.61
C LEU B 306 -6.02 -7.70 -4.29
N LEU B 307 -7.26 -7.63 -3.84
CA LEU B 307 -7.59 -6.95 -2.60
C LEU B 307 -6.93 -7.61 -1.40
N ALA B 308 -6.91 -8.95 -1.40
CA ALA B 308 -6.30 -9.71 -0.31
C ALA B 308 -4.80 -9.45 -0.20
N LEU B 309 -4.13 -9.37 -1.35
CA LEU B 309 -2.69 -9.14 -1.39
C LEU B 309 -2.33 -7.73 -0.94
N VAL B 310 -2.94 -6.74 -1.58
CA VAL B 310 -2.76 -5.35 -1.20
C VAL B 310 -2.98 -5.11 0.29
N THR B 311 -3.94 -5.81 0.89
CA THR B 311 -4.23 -5.64 2.31
C THR B 311 -3.22 -6.37 3.21
N LEU B 312 -2.90 -7.62 2.88
CA LEU B 312 -1.74 -8.27 3.50
C LEU B 312 -0.48 -7.36 3.46
N ALA B 313 -0.22 -6.68 2.35
CA ALA B 313 1.01 -5.86 2.24
C ALA B 313 0.93 -4.59 3.08
N SER B 314 -0.28 -4.04 3.22
CA SER B 314 -0.54 -2.91 4.10
C SER B 314 -0.35 -3.37 5.54
N ILE B 315 -0.91 -4.53 5.87
CA ILE B 315 -0.71 -5.12 7.19
C ILE B 315 0.79 -5.26 7.45
N GLY B 316 1.54 -5.58 6.39
CA GLY B 316 2.98 -5.66 6.51
C GLY B 316 3.54 -4.32 6.91
N THR B 317 3.10 -3.27 6.23
CA THR B 317 3.60 -1.93 6.44
C THR B 317 3.28 -1.42 7.85
N ASP B 318 2.03 -1.63 8.29
CA ASP B 318 1.49 -0.98 9.49
C ASP B 318 1.89 -1.67 10.76
N PHE B 319 2.33 -2.91 10.64
CA PHE B 319 2.83 -3.58 11.83
C PHE B 319 4.04 -2.82 12.36
N GLN B 320 4.71 -2.08 11.49
CA GLN B 320 5.87 -1.33 11.91
C GLN B 320 5.54 -0.31 12.99
N GLU B 321 4.31 0.19 12.95
CA GLU B 321 3.83 1.19 13.89
C GLU B 321 3.50 0.57 15.24
N THR B 322 3.20 -0.72 15.24
CA THR B 322 2.96 -1.45 16.49
C THR B 322 4.27 -1.55 17.23
N LEU B 323 5.36 -1.67 16.50
CA LEU B 323 6.66 -1.83 17.12
C LEU B 323 7.09 -0.51 17.78
N VAL B 324 6.78 0.61 17.14
CA VAL B 324 7.16 1.91 17.66
C VAL B 324 6.32 2.31 18.86
N LYS B 325 5.00 2.26 18.68
CA LYS B 325 4.04 2.58 19.73
C LYS B 325 4.11 1.60 20.90
N GLY B 326 4.39 0.33 20.61
CA GLY B 326 4.54 -0.64 21.66
C GLY B 326 5.65 -0.26 22.61
N ASN B 327 6.70 0.36 22.06
CA ASN B 327 7.87 0.79 22.83
C ASN B 327 7.68 2.04 23.71
N GLN B 328 6.83 2.96 23.26
CA GLN B 328 6.48 4.13 24.08
C GLN B 328 5.70 3.79 25.35
N GLY B 329 5.16 2.57 25.45
CA GLY B 329 4.47 2.13 26.65
C GLY B 329 5.28 1.15 27.49
N ASP B 407 4.69 -19.12 20.13
CA ASP B 407 5.67 -18.43 20.97
C ASP B 407 5.88 -16.97 20.55
N LEU B 408 5.13 -16.56 19.54
CA LEU B 408 4.93 -15.16 19.28
C LEU B 408 3.54 -14.90 19.82
N GLU B 409 3.32 -15.38 21.04
CA GLU B 409 2.01 -15.31 21.66
C GLU B 409 1.62 -13.85 21.85
N ASP B 410 2.60 -13.03 22.22
CA ASP B 410 2.37 -11.61 22.50
C ASP B 410 2.22 -10.79 21.23
N LEU B 411 2.56 -11.38 20.09
CA LEU B 411 2.48 -10.67 18.82
C LEU B 411 1.71 -11.52 17.80
N PRO B 412 0.39 -11.66 18.00
CA PRO B 412 -0.41 -12.54 17.15
C PRO B 412 -0.43 -12.06 15.70
N THR B 413 -0.40 -10.75 15.49
CA THR B 413 -0.39 -10.23 14.15
C THR B 413 0.83 -10.72 13.42
N LEU B 414 1.99 -10.59 14.07
CA LEU B 414 3.26 -11.06 13.53
C LEU B 414 3.27 -12.58 13.42
N ARG B 415 2.80 -13.26 14.45
CA ARG B 415 2.66 -14.70 14.37
C ARG B 415 1.91 -15.11 13.11
N GLU B 416 0.67 -14.65 12.96
CA GLU B 416 -0.12 -14.95 11.76
C GLU B 416 0.58 -14.55 10.44
N LEU B 417 1.23 -13.39 10.43
CA LEU B 417 1.90 -12.96 9.21
C LEU B 417 2.90 -14.00 8.73
N ILE B 418 3.71 -14.50 9.66
CA ILE B 418 4.81 -15.43 9.35
C ILE B 418 4.34 -16.86 9.07
N GLN B 419 3.62 -17.43 10.01
CA GLN B 419 3.11 -18.79 9.86
C GLN B 419 2.08 -18.98 8.74
N THR B 420 1.14 -18.04 8.62
CA THR B 420 0.04 -18.21 7.66
C THR B 420 0.14 -17.38 6.38
N ALA B 421 0.36 -16.08 6.53
CA ALA B 421 0.37 -15.16 5.40
C ALA B 421 1.50 -15.41 4.40
N VAL B 422 2.67 -15.70 4.93
CA VAL B 422 3.91 -15.77 4.16
C VAL B 422 4.03 -17.03 3.32
N PRO B 423 3.66 -18.20 3.87
CA PRO B 423 3.64 -19.39 3.01
C PRO B 423 2.84 -19.21 1.72
N GLN B 424 1.61 -18.72 1.79
CA GLN B 424 0.81 -18.50 0.58
C GLN B 424 1.41 -17.48 -0.40
N LEU B 425 2.06 -16.45 0.12
CA LEU B 425 2.76 -15.44 -0.70
C LEU B 425 4.00 -15.99 -1.45
N ILE B 426 4.71 -16.96 -0.84
CA ILE B 426 5.80 -17.63 -1.54
C ILE B 426 5.25 -18.53 -2.63
N ARG B 427 4.09 -19.13 -2.41
CA ARG B 427 3.46 -19.94 -3.46
C ARG B 427 3.13 -19.06 -4.62
N LEU B 428 2.37 -18.00 -4.35
CA LEU B 428 1.93 -17.08 -5.38
C LEU B 428 3.08 -16.40 -6.15
N SER B 429 4.17 -16.12 -5.45
CA SER B 429 5.33 -15.52 -6.09
C SER B 429 5.92 -16.47 -7.15
N ASN B 430 5.96 -17.76 -6.82
CA ASN B 430 6.48 -18.83 -7.69
C ASN B 430 5.77 -19.03 -9.01
N LEU B 431 4.46 -19.22 -8.96
CA LEU B 431 3.67 -19.68 -10.09
C LEU B 431 3.64 -18.73 -11.29
N PRO B 432 3.59 -19.37 -12.54
CA PRO B 432 3.50 -18.42 -13.67
C PRO B 432 2.15 -17.73 -13.67
N ILE B 433 2.03 -16.51 -14.19
CA ILE B 433 3.01 -15.82 -15.04
C ILE B 433 2.87 -16.25 -16.50
N ASP B 434 1.90 -17.13 -16.75
CA ASP B 434 1.49 -17.49 -18.10
C ASP B 434 0.91 -16.26 -18.79
N SER B 435 0.21 -15.45 -18.01
CA SER B 435 -0.54 -14.31 -18.51
C SER B 435 -0.22 -13.03 -17.73
N ASP B 436 -0.55 -11.90 -18.33
CA ASP B 436 -0.24 -10.59 -17.75
C ASP B 436 -0.92 -10.43 -16.39
N GLU B 437 -2.14 -10.95 -16.27
CA GLU B 437 -2.89 -10.85 -15.04
C GLU B 437 -2.16 -11.52 -13.88
N SER B 438 -1.55 -12.67 -14.15
CA SER B 438 -0.76 -13.37 -13.13
C SER B 438 0.61 -12.72 -13.00
N LEU B 439 0.93 -11.86 -13.96
CA LEU B 439 2.12 -11.02 -13.90
C LEU B 439 1.93 -9.99 -12.78
N THR B 440 0.68 -9.60 -12.54
CA THR B 440 0.28 -8.63 -11.50
C THR B 440 0.13 -9.29 -10.13
N ILE B 441 -0.20 -10.57 -10.13
CA ILE B 441 -0.36 -11.31 -8.90
C ILE B 441 1.01 -11.54 -8.29
N GLN B 442 1.95 -11.96 -9.14
CA GLN B 442 3.33 -12.08 -8.72
C GLN B 442 3.78 -10.78 -8.10
N SER B 443 3.79 -9.70 -8.88
CA SER B 443 4.11 -8.35 -8.41
C SER B 443 3.52 -8.01 -7.05
N HIS B 444 2.22 -8.20 -6.88
CA HIS B 444 1.61 -7.86 -5.60
C HIS B 444 2.04 -8.81 -4.49
N ALA B 445 2.11 -10.11 -4.80
CA ALA B 445 2.72 -11.06 -3.87
C ALA B 445 4.12 -10.58 -3.43
N LEU B 446 4.94 -10.14 -4.37
CA LEU B 446 6.29 -9.67 -4.04
C LEU B 446 6.24 -8.43 -3.17
N SER B 447 5.23 -7.58 -3.38
CA SER B 447 5.07 -6.36 -2.57
C SER B 447 4.85 -6.69 -1.10
N ALA B 448 3.89 -7.57 -0.83
CA ALA B 448 3.65 -8.07 0.53
C ALA B 448 4.86 -8.71 1.18
N LEU B 449 5.54 -9.61 0.47
CA LEU B 449 6.73 -10.25 1.02
C LEU B 449 7.67 -9.14 1.43
N ASN B 450 7.84 -8.20 0.50
CA ASN B 450 8.75 -7.08 0.69
C ASN B 450 8.44 -6.32 1.97
N ASN B 451 7.19 -5.92 2.15
CA ASN B 451 6.82 -5.07 3.28
C ASN B 451 7.01 -5.76 4.61
N ILE B 452 6.65 -7.04 4.66
CA ILE B 452 6.81 -7.88 5.84
C ILE B 452 8.29 -8.09 6.17
N SER B 453 9.05 -8.54 5.18
CA SER B 453 10.47 -8.75 5.35
C SER B 453 11.15 -7.47 5.81
N TRP B 454 10.79 -6.32 5.23
CA TRP B 454 11.41 -5.06 5.64
C TRP B 454 11.07 -4.70 7.06
N THR B 455 9.80 -4.82 7.43
CA THR B 455 9.41 -4.42 8.77
C THR B 455 10.17 -5.27 9.75
N ILE B 456 10.13 -6.58 9.53
CA ILE B 456 10.82 -7.53 10.41
C ILE B 456 12.32 -7.20 10.54
N SER B 457 12.95 -6.80 9.44
CA SER B 457 14.38 -6.49 9.48
C SER B 457 14.62 -5.14 10.12
N CYS B 458 13.57 -4.54 10.65
CA CYS B 458 13.72 -3.26 11.35
C CYS B 458 13.87 -3.48 12.84
N LEU B 459 14.11 -4.75 13.19
CA LEU B 459 14.29 -5.16 14.57
C LEU B 459 15.74 -5.44 14.84
N GLU B 460 16.17 -5.14 16.06
CA GLU B 460 17.52 -5.43 16.47
C GLU B 460 17.60 -6.91 16.77
N PHE B 461 18.54 -7.59 16.11
CA PHE B 461 18.75 -9.01 16.34
C PHE B 461 20.20 -9.27 16.73
N ALA B 462 21.01 -8.22 16.80
CA ALA B 462 22.43 -8.34 17.18
C ALA B 462 22.54 -8.74 18.65
N ASN B 463 23.58 -9.49 18.98
CA ASN B 463 23.67 -10.09 20.31
C ASN B 463 22.47 -11.00 20.52
N GLY B 464 21.85 -10.93 21.69
CA GLY B 464 20.75 -11.83 21.97
C GLY B 464 19.41 -11.20 21.66
N GLU B 465 19.47 -9.94 21.25
CA GLU B 465 18.27 -9.11 21.13
C GLU B 465 17.14 -9.73 20.29
N ASN B 466 15.92 -9.62 20.80
CA ASN B 466 14.73 -10.16 20.13
C ASN B 466 14.81 -11.62 19.65
N ALA B 467 15.44 -12.48 20.44
CA ALA B 467 15.65 -13.89 20.06
C ALA B 467 14.40 -14.65 19.66
N ASN B 468 13.32 -14.49 20.43
CA ASN B 468 12.05 -15.14 20.13
C ASN B 468 11.61 -14.95 18.68
N ILE B 469 11.55 -13.68 18.26
CA ILE B 469 11.18 -13.28 16.90
C ILE B 469 12.21 -13.72 15.83
N HIS B 470 13.49 -13.75 16.19
CA HIS B 470 14.51 -14.21 15.25
C HIS B 470 14.42 -15.71 14.90
N ASN B 471 14.01 -16.55 15.84
CA ASN B 471 13.86 -17.99 15.57
C ASN B 471 12.59 -18.25 14.77
N ALA B 472 11.56 -17.44 15.04
CA ALA B 472 10.32 -17.53 14.30
C ALA B 472 10.56 -17.25 12.82
N TRP B 473 11.40 -16.25 12.54
CA TRP B 473 11.57 -15.68 11.20
C TRP B 473 12.63 -16.34 10.31
N TYR B 474 13.80 -16.64 10.92
CA TYR B 474 15.01 -17.03 10.20
C TYR B 474 14.83 -18.14 9.17
N PRO B 475 14.14 -19.23 9.55
CA PRO B 475 13.92 -20.33 8.60
C PRO B 475 13.05 -19.87 7.43
N THR B 476 11.98 -19.16 7.75
CA THR B 476 11.13 -18.58 6.72
C THR B 476 11.95 -17.67 5.83
N ALA B 477 12.73 -16.77 6.43
CA ALA B 477 13.57 -15.88 5.61
C ALA B 477 14.41 -16.70 4.62
N LYS B 478 14.93 -17.84 5.07
CA LYS B 478 15.70 -18.72 4.20
C LYS B 478 14.82 -19.30 3.08
N LYS B 479 13.56 -19.61 3.39
CA LYS B 479 12.73 -20.16 2.35
C LYS B 479 12.46 -19.07 1.30
N ILE B 480 11.99 -17.91 1.74
CA ILE B 480 11.76 -16.78 0.84
C ILE B 480 12.92 -16.60 -0.14
N TRP B 481 14.15 -16.74 0.36
CA TRP B 481 15.36 -16.58 -0.46
C TRP B 481 15.53 -17.71 -1.46
N ARG B 482 15.32 -18.96 -1.01
CA ARG B 482 15.57 -20.12 -1.85
C ARG B 482 14.42 -20.32 -2.84
N LYS B 483 13.19 -20.32 -2.34
CA LYS B 483 12.00 -20.50 -3.17
C LYS B 483 11.52 -19.30 -4.01
N THR B 484 11.78 -18.07 -3.57
CA THR B 484 11.31 -16.87 -4.30
C THR B 484 12.41 -16.08 -5.02
N ILE B 485 13.31 -15.50 -4.24
CA ILE B 485 14.36 -14.63 -4.74
C ILE B 485 15.31 -15.32 -5.72
N LEU B 486 15.54 -16.61 -5.53
CA LEU B 486 16.56 -17.30 -6.29
C LEU B 486 16.08 -17.78 -7.66
N PRO B 487 14.89 -18.43 -7.71
CA PRO B 487 14.35 -18.83 -9.01
C PRO B 487 14.20 -17.63 -9.95
N ILE B 488 13.61 -16.55 -9.42
CA ILE B 488 13.38 -15.34 -10.19
C ILE B 488 14.68 -14.71 -10.71
N LEU B 489 15.73 -14.83 -9.91
CA LEU B 489 17.06 -14.35 -10.25
C LEU B 489 17.73 -15.24 -11.32
N GLU B 490 17.27 -16.49 -11.40
CA GLU B 490 17.76 -17.47 -12.38
C GLU B 490 17.52 -17.12 -13.86
N ALA B 491 16.34 -16.56 -14.16
CA ALA B 491 16.08 -16.10 -15.52
C ALA B 491 16.36 -14.60 -15.62
N ASP B 492 17.56 -14.25 -16.08
CA ASP B 492 18.01 -12.86 -16.08
C ASP B 492 16.97 -11.87 -16.61
N SER B 493 16.40 -12.17 -17.77
CA SER B 493 15.50 -11.25 -18.46
C SER B 493 14.12 -11.11 -17.79
N ALA B 494 13.43 -9.99 -18.07
CA ALA B 494 14.02 -8.81 -18.70
C ALA B 494 13.70 -7.50 -17.98
N ASP B 495 12.77 -7.55 -17.03
CA ASP B 495 12.18 -6.35 -16.43
C ASP B 495 13.09 -5.53 -15.51
N LEU B 496 12.86 -4.22 -15.45
CA LEU B 496 13.57 -3.37 -14.51
C LEU B 496 12.74 -3.23 -13.25
N LYS B 497 11.44 -3.05 -13.46
CA LYS B 497 10.46 -2.96 -12.40
C LYS B 497 10.53 -4.18 -11.49
N LEU B 498 10.61 -5.36 -12.10
CA LEU B 498 10.64 -6.61 -11.37
C LEU B 498 12.02 -6.87 -10.77
N ALA B 499 13.05 -6.56 -11.54
CA ALA B 499 14.41 -6.63 -11.01
C ALA B 499 14.43 -5.87 -9.70
N THR B 500 13.92 -4.64 -9.75
CA THR B 500 13.90 -3.74 -8.59
C THR B 500 13.12 -4.29 -7.41
N GLN B 501 12.12 -5.13 -7.70
CA GLN B 501 11.28 -5.66 -6.63
C GLN B 501 11.96 -6.77 -5.89
N VAL B 502 12.68 -7.61 -6.63
CA VAL B 502 13.34 -8.77 -6.05
C VAL B 502 14.58 -8.36 -5.25
N THR B 503 15.30 -7.36 -5.73
CA THR B 503 16.45 -6.84 -4.99
C THR B 503 16.05 -6.17 -3.65
N SER B 504 14.97 -5.40 -3.68
CA SER B 504 14.42 -4.83 -2.45
C SER B 504 14.12 -5.91 -1.39
N LEU B 505 13.48 -7.01 -1.82
CA LEU B 505 13.11 -8.12 -0.93
C LEU B 505 14.35 -8.87 -0.46
N ALA B 506 15.24 -9.17 -1.40
CA ALA B 506 16.50 -9.80 -1.09
C ALA B 506 17.30 -8.99 -0.06
N TRP B 507 17.30 -7.68 -0.22
CA TRP B 507 18.01 -6.81 0.70
C TRP B 507 17.40 -6.90 2.09
N ALA B 508 16.08 -7.08 2.18
CA ALA B 508 15.38 -7.13 3.46
C ALA B 508 15.64 -8.45 4.17
N VAL B 509 15.67 -9.52 3.39
CA VAL B 509 15.93 -10.85 3.90
C VAL B 509 17.42 -11.05 4.29
N ALA B 510 18.33 -10.45 3.53
CA ALA B 510 19.75 -10.58 3.88
C ALA B 510 20.19 -9.67 5.01
N ARG B 511 19.32 -8.79 5.50
CA ARG B 511 19.67 -7.91 6.62
C ARG B 511 19.49 -8.66 7.93
N VAL B 512 18.70 -9.72 7.85
CA VAL B 512 18.50 -10.64 8.95
C VAL B 512 19.48 -11.83 8.83
N LEU B 513 19.61 -12.38 7.62
CA LEU B 513 20.48 -13.55 7.39
C LEU B 513 21.99 -13.34 7.65
N HIS B 514 22.53 -12.21 7.20
CA HIS B 514 23.92 -11.82 7.50
C HIS B 514 25.07 -12.80 7.16
N GLY B 515 25.04 -13.39 5.97
CA GLY B 515 26.13 -14.24 5.48
C GLY B 515 25.92 -15.70 5.82
N GLU B 516 24.96 -15.91 6.70
CA GLU B 516 24.19 -17.15 6.85
C GLU B 516 23.27 -17.31 5.64
N THR B 517 23.04 -16.21 4.94
CA THR B 517 22.19 -16.23 3.76
C THR B 517 22.77 -17.20 2.73
N PRO B 518 21.91 -18.00 2.07
CA PRO B 518 22.42 -19.04 1.19
C PRO B 518 23.36 -18.49 0.12
N THR B 519 24.45 -19.22 -0.10
CA THR B 519 25.27 -18.99 -1.27
C THR B 519 25.07 -20.18 -2.19
N ASP B 520 24.29 -19.99 -3.24
CA ASP B 520 23.95 -21.11 -4.11
C ASP B 520 24.27 -20.79 -5.56
N GLY B 521 23.47 -19.95 -6.19
CA GLY B 521 23.78 -19.54 -7.55
C GLY B 521 24.84 -18.44 -7.60
N ASN B 522 25.62 -18.32 -6.53
CA ASN B 522 26.47 -17.15 -6.35
C ASN B 522 25.67 -15.91 -6.66
N PRO B 523 24.67 -15.61 -5.82
CA PRO B 523 23.73 -14.50 -6.04
C PRO B 523 24.43 -13.15 -6.02
N HIS B 524 25.39 -12.96 -5.13
CA HIS B 524 26.14 -11.71 -5.09
C HIS B 524 26.65 -11.28 -6.45
N ARG B 525 27.10 -12.21 -7.29
CA ARG B 525 27.59 -11.87 -8.63
C ARG B 525 26.50 -11.33 -9.55
N LYS B 526 25.27 -11.81 -9.33
CA LYS B 526 24.12 -11.38 -10.12
C LYS B 526 23.68 -9.98 -9.71
N PHE B 527 23.53 -9.77 -8.40
CA PHE B 527 23.27 -8.42 -7.86
C PHE B 527 24.38 -7.43 -8.22
N ILE B 528 25.61 -7.90 -8.28
CA ILE B 528 26.71 -7.03 -8.66
C ILE B 528 26.59 -6.63 -10.14
N SER B 529 26.24 -7.59 -11.00
CA SER B 529 26.07 -7.28 -12.41
C SER B 529 24.84 -6.41 -12.63
N LEU B 530 23.80 -6.66 -11.82
CA LEU B 530 22.59 -5.81 -11.82
C LEU B 530 22.94 -4.33 -11.60
N TYR B 531 23.79 -4.06 -10.61
CA TYR B 531 24.19 -2.70 -10.29
C TYR B 531 24.73 -1.96 -11.51
N HIS B 532 25.88 -2.44 -12.03
CA HIS B 532 26.56 -1.87 -13.20
C HIS B 532 25.66 -1.69 -14.41
N SER B 533 24.82 -2.69 -14.72
CA SER B 533 23.96 -2.63 -15.91
C SER B 533 22.80 -1.64 -15.78
N SER B 534 22.15 -1.62 -14.63
CA SER B 534 21.13 -0.61 -14.35
C SER B 534 21.76 0.78 -14.27
N LYS B 535 23.02 0.89 -14.66
CA LYS B 535 23.65 2.18 -14.89
C LYS B 535 23.51 2.41 -16.40
N GLN B 536 22.63 3.35 -16.75
CA GLN B 536 22.37 3.69 -18.16
C GLN B 536 21.32 4.80 -18.26
N ASP B 550 14.50 11.11 -4.77
CA ASP B 550 14.86 10.56 -3.45
C ASP B 550 16.05 9.61 -3.49
N PRO B 551 17.21 10.10 -3.05
CA PRO B 551 18.54 9.49 -3.20
C PRO B 551 18.64 8.04 -2.77
N PHE B 552 17.91 7.68 -1.72
CA PHE B 552 18.11 6.38 -1.09
C PHE B 552 17.20 5.31 -1.62
N GLN B 553 16.42 5.64 -2.65
CA GLN B 553 15.50 4.68 -3.22
C GLN B 553 16.01 4.19 -4.56
N GLY B 554 17.22 4.62 -4.91
CA GLY B 554 17.92 4.10 -6.05
C GLY B 554 18.07 2.60 -5.95
N LEU B 555 17.96 1.93 -7.10
CA LEU B 555 18.15 0.49 -7.20
C LEU B 555 19.60 0.13 -6.90
N GLY B 556 20.52 1.00 -7.34
CA GLY B 556 21.92 0.85 -7.00
C GLY B 556 22.18 0.75 -5.50
N VAL B 557 21.47 1.55 -4.71
CA VAL B 557 21.63 1.49 -3.26
C VAL B 557 21.24 0.11 -2.76
N LYS B 558 20.22 -0.46 -3.40
CA LYS B 558 19.67 -1.75 -3.04
C LYS B 558 20.67 -2.85 -3.35
N CYS B 559 21.31 -2.75 -4.51
CA CYS B 559 22.34 -3.71 -4.89
C CYS B 559 23.48 -3.68 -3.88
N ILE B 560 23.90 -2.49 -3.47
CA ILE B 560 25.01 -2.38 -2.51
C ILE B 560 24.68 -3.02 -1.16
N GLY B 561 23.45 -2.76 -0.70
CA GLY B 561 23.01 -3.18 0.63
C GLY B 561 22.81 -4.68 0.78
N VAL B 562 22.23 -5.32 -0.25
CA VAL B 562 22.04 -6.75 -0.17
C VAL B 562 23.39 -7.47 -0.23
N VAL B 563 24.18 -7.14 -1.24
CA VAL B 563 25.42 -7.82 -1.46
C VAL B 563 26.31 -7.56 -0.25
N GLY B 564 26.28 -6.34 0.27
CA GLY B 564 27.01 -6.05 1.48
C GLY B 564 26.57 -6.88 2.68
N SER B 565 25.26 -7.10 2.81
CA SER B 565 24.68 -7.78 3.96
C SER B 565 24.95 -9.30 4.02
N LEU B 566 25.10 -9.91 2.86
CA LEU B 566 25.30 -11.35 2.75
C LEU B 566 26.79 -11.70 2.82
N ALA B 567 27.61 -10.65 2.88
CA ALA B 567 29.06 -10.80 2.89
C ALA B 567 29.64 -10.71 4.29
N HIS B 568 28.78 -10.48 5.28
CA HIS B 568 29.26 -10.45 6.66
C HIS B 568 29.77 -11.83 6.94
N ASP B 569 30.40 -12.00 8.09
CA ASP B 569 30.80 -13.33 8.57
C ASP B 569 29.54 -14.06 9.03
N PRO B 570 29.49 -15.39 8.84
CA PRO B 570 30.49 -16.36 8.39
C PRO B 570 30.34 -16.76 6.95
N ALA B 571 30.43 -15.84 6.01
CA ALA B 571 30.19 -16.28 4.65
C ALA B 571 31.46 -16.86 4.06
N PRO B 572 31.33 -17.64 2.97
CA PRO B 572 32.47 -18.10 2.19
C PRO B 572 33.44 -16.97 2.01
N ILE B 573 34.71 -17.24 2.32
CA ILE B 573 35.73 -16.21 2.31
C ILE B 573 35.96 -15.63 0.91
N GLU B 574 35.60 -16.38 -0.13
CA GLU B 574 35.77 -15.87 -1.48
C GLU B 574 34.57 -15.04 -1.91
N VAL B 575 33.39 -15.40 -1.41
CA VAL B 575 32.20 -14.60 -1.64
C VAL B 575 32.42 -13.22 -1.01
N ASN B 576 33.01 -13.21 0.18
CA ASN B 576 33.35 -11.98 0.87
C ASN B 576 34.38 -11.17 0.10
N ARG B 577 35.36 -11.84 -0.47
CA ARG B 577 36.44 -11.17 -1.20
C ARG B 577 35.90 -10.43 -2.42
N GLU B 578 34.97 -11.05 -3.12
CA GLU B 578 34.36 -10.43 -4.30
C GLU B 578 33.57 -9.20 -3.88
N VAL B 579 32.56 -9.42 -3.04
CA VAL B 579 31.75 -8.33 -2.50
C VAL B 579 32.57 -7.18 -1.95
N GLY B 580 33.53 -7.49 -1.08
CA GLY B 580 34.43 -6.47 -0.56
C GLY B 580 35.20 -5.73 -1.64
N VAL B 581 35.63 -6.45 -2.67
CA VAL B 581 36.38 -5.84 -3.77
C VAL B 581 35.51 -4.86 -4.58
N PHE B 582 34.26 -5.27 -4.84
CA PHE B 582 33.24 -4.44 -5.46
C PHE B 582 32.90 -3.15 -4.68
N LEU B 583 32.62 -3.30 -3.39
CA LEU B 583 32.44 -2.19 -2.47
C LEU B 583 33.61 -1.19 -2.45
N VAL B 584 34.84 -1.71 -2.40
CA VAL B 584 36.02 -0.83 -2.39
C VAL B 584 36.28 -0.20 -3.76
N THR B 585 36.09 -0.98 -4.81
CA THR B 585 36.23 -0.44 -6.16
C THR B 585 35.32 0.77 -6.33
N LEU B 586 34.10 0.65 -5.81
CA LEU B 586 33.13 1.76 -5.78
C LEU B 586 33.74 3.06 -5.31
N LEU B 587 34.62 2.99 -4.31
CA LEU B 587 35.28 4.17 -3.75
C LEU B 587 36.44 4.62 -4.62
N ARG B 588 37.31 3.70 -5.00
CA ARG B 588 38.40 4.04 -5.90
C ARG B 588 37.88 4.80 -7.12
N GLN B 589 36.74 4.35 -7.63
CA GLN B 589 36.13 4.98 -8.79
C GLN B 589 34.86 5.74 -8.39
N SER B 590 34.96 6.46 -7.28
CA SER B 590 33.86 7.23 -6.72
C SER B 590 33.54 8.40 -7.61
N ASN B 591 34.37 8.60 -8.62
CA ASN B 591 34.26 9.78 -9.46
C ASN B 591 32.83 10.03 -10.01
N ASN B 592 32.03 8.97 -10.12
CA ASN B 592 30.72 9.09 -10.73
C ASN B 592 29.61 8.31 -10.01
N VAL B 593 29.88 7.92 -8.77
CA VAL B 593 28.92 7.16 -7.98
C VAL B 593 28.04 8.15 -7.24
N PRO B 594 26.71 7.94 -7.25
CA PRO B 594 25.78 8.85 -6.56
C PRO B 594 25.99 8.83 -5.05
N PRO B 595 26.11 10.02 -4.42
CA PRO B 595 26.46 10.15 -3.00
C PRO B 595 25.78 9.15 -2.07
N ALA B 596 24.50 8.81 -2.30
CA ALA B 596 23.81 7.83 -1.43
C ALA B 596 24.49 6.47 -1.50
N GLU B 597 24.77 6.03 -2.72
CA GLU B 597 25.53 4.80 -2.92
C GLU B 597 26.93 4.81 -2.28
N ILE B 598 27.53 5.97 -2.12
CA ILE B 598 28.79 6.04 -1.40
C ILE B 598 28.50 5.75 0.09
N VAL B 599 27.53 6.45 0.66
CA VAL B 599 27.17 6.24 2.06
C VAL B 599 26.88 4.77 2.38
N GLU B 600 26.05 4.13 1.57
CA GLU B 600 25.71 2.74 1.79
C GLU B 600 26.99 1.88 1.74
N ALA B 601 27.80 2.07 0.69
CA ALA B 601 29.05 1.31 0.59
C ALA B 601 29.89 1.42 1.87
N LEU B 602 30.12 2.64 2.34
CA LEU B 602 30.88 2.89 3.57
C LEU B 602 30.27 2.24 4.81
N ASN B 603 28.94 2.27 4.92
CA ASN B 603 28.27 1.59 6.03
C ASN B 603 28.40 0.08 5.95
N GLN B 604 28.24 -0.49 4.75
CA GLN B 604 28.45 -1.92 4.53
C GLN B 604 29.85 -2.36 4.91
N LEU B 605 30.87 -1.65 4.41
CA LEU B 605 32.24 -1.96 4.78
C LEU B 605 32.46 -1.93 6.31
N PHE B 606 32.09 -0.83 6.97
CA PHE B 606 32.23 -0.72 8.42
C PHE B 606 31.58 -1.92 9.10
N ASP B 607 30.42 -2.30 8.57
CA ASP B 607 29.59 -3.38 9.10
C ASP B 607 30.23 -4.75 9.00
N ILE B 608 31.15 -4.89 8.05
CA ILE B 608 31.76 -6.17 7.69
C ILE B 608 33.15 -6.41 8.29
N TYR B 609 34.02 -5.42 8.18
CA TYR B 609 35.43 -5.62 8.49
C TYR B 609 35.86 -4.89 9.76
N GLY B 610 34.94 -4.80 10.72
CA GLY B 610 35.24 -4.08 11.94
C GLY B 610 35.46 -5.01 13.12
N ASP B 611 35.94 -6.21 12.83
CA ASP B 611 36.17 -7.24 13.86
C ASP B 611 37.39 -8.07 13.48
N GLU B 612 38.51 -7.87 14.18
CA GLU B 612 39.77 -8.50 13.80
C GLU B 612 39.83 -10.02 14.03
N GLU B 613 38.87 -10.53 14.78
CA GLU B 613 38.70 -11.98 14.97
C GLU B 613 38.10 -12.73 13.78
N LEU B 614 37.45 -12.01 12.89
CA LEU B 614 36.81 -12.63 11.73
C LEU B 614 37.81 -12.92 10.62
N ALA B 615 37.89 -14.18 10.21
CA ALA B 615 38.84 -14.59 9.17
C ALA B 615 39.00 -13.55 8.03
N CYS B 616 37.89 -12.94 7.61
CA CYS B 616 37.86 -12.06 6.44
C CYS B 616 38.61 -10.74 6.66
N ASP B 617 38.70 -10.32 7.91
CA ASP B 617 39.49 -9.14 8.27
C ASP B 617 40.97 -9.29 7.88
N LYS B 618 41.57 -10.45 8.20
CA LYS B 618 42.93 -10.79 7.78
C LYS B 618 42.98 -11.39 6.36
N GLU B 619 42.08 -12.33 6.07
CA GLU B 619 42.04 -12.99 4.77
C GLU B 619 41.73 -12.08 3.58
N VAL B 620 41.03 -10.98 3.81
CA VAL B 620 40.66 -10.10 2.70
C VAL B 620 41.01 -8.63 2.93
N PHE B 621 40.56 -8.08 4.05
CA PHE B 621 40.80 -6.68 4.33
C PHE B 621 42.29 -6.34 4.32
N TRP B 622 43.07 -7.12 5.03
CA TRP B 622 44.52 -6.93 5.08
C TRP B 622 45.22 -7.55 3.89
N LYS B 623 44.86 -8.78 3.56
CA LYS B 623 45.53 -9.46 2.46
C LYS B 623 45.50 -8.60 1.19
N ASP B 624 44.39 -7.92 0.96
CA ASP B 624 44.22 -7.10 -0.26
C ASP B 624 44.35 -5.61 0.03
N GLY B 625 44.96 -5.28 1.15
CA GLY B 625 45.19 -3.89 1.52
C GLY B 625 44.06 -2.92 1.24
N PHE B 626 42.87 -3.27 1.70
CA PHE B 626 41.73 -2.37 1.66
C PHE B 626 42.04 -1.06 2.39
N LEU B 627 42.93 -1.12 3.37
CA LEU B 627 43.24 0.06 4.18
C LEU B 627 43.75 1.26 3.40
N LYS B 628 44.51 1.04 2.31
CA LYS B 628 45.07 2.15 1.54
C LYS B 628 44.00 2.93 0.81
N HIS B 629 43.13 2.20 0.12
CA HIS B 629 42.01 2.81 -0.57
C HIS B 629 41.16 3.63 0.41
N LEU B 630 41.03 3.15 1.64
CA LEU B 630 40.20 3.84 2.60
C LEU B 630 40.88 5.12 3.06
N GLU B 631 42.19 5.07 3.26
CA GLU B 631 42.96 6.23 3.65
C GLU B 631 43.03 7.25 2.50
N GLU B 632 43.13 6.75 1.27
CA GLU B 632 43.09 7.59 0.07
C GLU B 632 41.71 8.23 -0.14
N PHE B 633 40.65 7.49 0.19
CA PHE B 633 39.30 7.95 -0.05
C PHE B 633 38.83 9.02 0.94
N LEU B 634 39.52 9.13 2.07
CA LEU B 634 39.09 10.04 3.14
C LEU B 634 38.99 11.48 2.63
N PRO B 635 40.06 12.00 2.00
CA PRO B 635 39.94 13.36 1.41
C PRO B 635 38.78 13.47 0.39
N LYS B 636 38.75 12.58 -0.61
CA LYS B 636 37.65 12.49 -1.56
C LYS B 636 36.27 12.52 -0.88
N MET B 637 36.12 11.77 0.21
CA MET B 637 34.87 11.69 0.96
C MET B 637 34.46 12.98 1.70
N ARG B 638 35.42 13.85 1.95
CA ARG B 638 35.13 15.08 2.68
C ARG B 638 34.56 16.16 1.77
N THR B 639 34.97 16.13 0.51
CA THR B 639 34.57 17.16 -0.42
C THR B 639 33.19 16.89 -1.01
N LEU B 640 32.86 15.60 -1.13
CA LEU B 640 31.55 15.20 -1.67
C LEU B 640 30.49 15.41 -0.62
N THR B 641 30.85 15.15 0.64
CA THR B 641 29.98 15.46 1.76
C THR B 641 29.58 16.93 1.81
N LYS B 642 30.57 17.82 1.74
CA LYS B 642 30.33 19.26 1.74
C LYS B 642 29.69 19.73 0.43
N GLY B 643 29.58 18.80 -0.51
CA GLY B 643 28.98 19.06 -1.80
C GLY B 643 27.48 18.88 -1.72
N ILE B 644 26.99 18.41 -0.58
CA ILE B 644 25.57 18.13 -0.42
C ILE B 644 24.82 19.25 0.32
N ASP B 645 23.84 19.83 -0.35
CA ASP B 645 23.09 20.92 0.25
C ASP B 645 22.34 20.44 1.48
N LYS B 646 22.83 20.84 2.65
CA LYS B 646 22.13 20.59 3.89
C LYS B 646 20.65 20.98 3.77
N ARG B 647 20.36 22.05 3.03
CA ARG B 647 19.00 22.60 2.99
C ARG B 647 18.12 21.95 1.92
N THR B 648 18.72 21.12 1.08
CA THR B 648 18.05 20.53 -0.08
C THR B 648 18.86 19.36 -0.64
N GLN B 649 18.95 18.22 0.05
CA GLN B 649 18.08 17.81 1.13
C GLN B 649 18.87 17.35 2.37
N PRO B 650 18.35 17.66 3.56
CA PRO B 650 18.99 17.37 4.84
C PRO B 650 19.47 15.93 5.03
N GLU B 651 18.56 14.95 5.11
CA GLU B 651 18.92 13.55 5.47
C GLU B 651 20.24 13.03 4.89
N LEU B 652 20.33 12.96 3.56
CA LEU B 652 21.58 12.56 2.90
C LEU B 652 22.80 13.28 3.48
N ARG B 653 22.72 14.60 3.58
CA ARG B 653 23.82 15.34 4.20
C ARG B 653 24.16 14.80 5.60
N THR B 654 23.22 14.82 6.53
CA THR B 654 23.58 14.40 7.86
C THR B 654 24.01 12.92 7.90
N ARG B 655 23.48 12.11 6.99
CA ARG B 655 23.85 10.69 6.92
C ARG B 655 25.30 10.56 6.45
N ALA B 656 25.64 11.35 5.44
CA ALA B 656 27.01 11.37 4.92
C ALA B 656 28.00 11.89 5.95
N ASP B 657 27.56 12.82 6.79
CA ASP B 657 28.47 13.36 7.78
C ASP B 657 28.86 12.26 8.75
N GLU B 658 27.89 11.40 9.10
CA GLU B 658 28.14 10.29 10.02
C GLU B 658 29.08 9.25 9.38
N ALA B 659 28.93 8.98 8.08
CA ALA B 659 29.85 8.11 7.36
C ALA B 659 31.32 8.53 7.28
N LEU B 660 31.58 9.83 7.06
CA LEU B 660 32.94 10.35 7.10
C LEU B 660 33.52 10.33 8.50
N LEU B 661 32.61 10.49 9.45
CA LEU B 661 32.95 10.53 10.85
C LEU B 661 33.41 9.10 11.09
N ASN B 662 32.51 8.14 10.90
CA ASN B 662 32.83 6.73 11.03
C ASN B 662 34.02 6.34 10.18
N LEU B 663 34.16 6.93 9.00
CA LEU B 663 35.28 6.58 8.12
C LEU B 663 36.61 6.96 8.77
N GLY B 664 36.64 8.10 9.46
CA GLY B 664 37.84 8.56 10.12
C GLY B 664 38.17 7.70 11.33
N ARG B 665 37.16 7.40 12.13
CA ARG B 665 37.34 6.51 13.27
C ARG B 665 37.74 5.09 12.83
N PHE B 666 37.30 4.70 11.64
CA PHE B 666 37.56 3.35 11.14
C PHE B 666 38.99 3.24 10.63
N VAL B 667 39.49 4.31 10.04
CA VAL B 667 40.85 4.29 9.54
C VAL B 667 41.87 4.30 10.69
N GLN B 668 41.45 4.74 11.89
CA GLN B 668 42.33 4.70 13.06
C GLN B 668 42.35 3.31 13.69
N TYR B 669 41.18 2.82 14.09
CA TYR B 669 41.09 1.52 14.74
C TYR B 669 41.90 0.35 14.18
N LYS B 670 41.76 0.07 12.89
CA LYS B 670 42.62 -0.91 12.20
C LYS B 670 44.10 -0.49 12.11
N LYS B 671 44.31 0.79 11.82
CA LYS B 671 45.64 1.39 11.61
C LYS B 671 46.36 0.75 12.80
N LYS B 672 45.64 0.64 13.93
CA LYS B 672 46.22 0.15 15.19
C LYS B 672 46.38 -1.37 15.25
N HIS B 673 45.97 -2.09 14.19
CA HIS B 673 45.99 -3.56 14.22
C HIS B 673 46.63 -4.26 12.99
N ALA B 674 47.80 -4.90 13.19
CA ALA B 674 48.48 -5.67 12.13
C ALA B 674 47.52 -6.32 11.11
#